data_7DYQ
#
_entry.id   7DYQ
#
_cell.length_a   71.635
_cell.length_b   71.635
_cell.length_c   151.486
_cell.angle_alpha   90.000
_cell.angle_beta   90.000
_cell.angle_gamma   90.000
#
_symmetry.space_group_name_H-M   'P 43 21 2'
#
loop_
_entity.id
_entity.type
_entity.pdbx_description
1 polymer 'Lysine-specific demethylase 4D'
2 non-polymer 5-hydroxy-2-methylpyrazolo[1,5-a]pyrido[3,2-e]pyrimidine-3-carbonitrile
3 non-polymer 'FE (III) ION'
4 water water
#
_entity_poly.entity_id   1
_entity_poly.type   'polypeptide(L)'
_entity_poly.pdbx_seq_one_letter_code
;AQNPNCNIMIFHPTKEEFNDFDKYIAYMESQGAHRAGLAKIIPPKEWKARETYDNISEILIATPLQQVASGRAGVFTQYH
KKKKAMTVGEYRHLANSKKYQTPPHQNFEDLERKYWKNRIYNSPIYGADISGSLFDENTKQWNLGHLGTIQDLLEKECGV
VIEGVNTPYLYFGMWKTTFAWHTEDMDLYSINYLHLGEPKTWYVVPPEHGQRLERLARELFPGSSRGCGAFLRHKVALIS
PTVLKENGIPFNRITQEAGEFMVTFPYGYHAGFNHGFNCAEAINFATPRWIDYGKMASQCSCGEARVTFSMDAFVRILQP
ERYDLWKRGQ
;
_entity_poly.pdbx_strand_id   A
#
loop_
_chem_comp.id
_chem_comp.type
_chem_comp.name
_chem_comp.formula
FE non-polymer 'FE (III) ION' 'Fe 3'
HR0 non-polymer 5-hydroxy-2-methylpyrazolo[1,5-a]pyrido[3,2-e]pyrimidine-3-carbonitrile 'C11 H7 N5 O'
#
# COMPACT_ATOMS: atom_id res chain seq x y z
N ALA A 1 12.55 24.98 -2.79
CA ALA A 1 11.95 23.70 -2.45
C ALA A 1 11.05 23.21 -3.58
N GLN A 2 11.29 21.99 -4.03
CA GLN A 2 10.53 21.42 -5.13
C GLN A 2 9.16 20.98 -4.64
N ASN A 3 8.16 21.13 -5.49
CA ASN A 3 6.80 20.64 -5.21
C ASN A 3 6.29 21.11 -3.85
N PRO A 4 6.28 22.43 -3.60
CA PRO A 4 5.83 22.93 -2.28
C PRO A 4 4.36 22.70 -1.98
N ASN A 5 3.49 22.57 -2.99
CA ASN A 5 2.10 22.24 -2.72
C ASN A 5 1.90 20.75 -2.47
N CYS A 6 2.95 19.93 -2.55
CA CYS A 6 2.84 18.49 -2.30
C CYS A 6 1.86 17.78 -3.26
N ASN A 7 1.91 18.11 -4.55
CA ASN A 7 1.09 17.42 -5.54
C ASN A 7 1.69 16.05 -5.89
N ILE A 8 0.82 15.09 -6.21
CA ILE A 8 1.25 13.79 -6.71
C ILE A 8 1.83 13.97 -8.10
N MET A 9 3.11 13.67 -8.27
CA MET A 9 3.75 13.78 -9.57
C MET A 9 3.65 12.47 -10.34
N ILE A 10 3.57 12.60 -11.66
CA ILE A 10 3.48 11.50 -12.59
C ILE A 10 4.74 11.54 -13.46
N PHE A 11 5.41 10.41 -13.59
CA PHE A 11 6.68 10.35 -14.30
C PHE A 11 6.58 9.41 -15.48
N HIS A 12 7.23 9.80 -16.59
CA HIS A 12 7.24 9.03 -17.83
C HIS A 12 8.69 8.76 -18.22
N PRO A 13 9.37 7.86 -17.51
CA PRO A 13 10.78 7.59 -17.84
C PRO A 13 10.94 7.03 -19.25
N THR A 14 12.06 7.38 -19.88
CA THR A 14 12.47 6.73 -21.11
C THR A 14 13.05 5.37 -20.77
N LYS A 15 13.28 4.54 -21.78
CA LYS A 15 13.84 3.22 -21.50
C LYS A 15 15.23 3.35 -20.91
N GLU A 16 15.95 4.40 -21.28
CA GLU A 16 17.27 4.63 -20.72
C GLU A 16 17.17 4.98 -19.24
N GLU A 17 16.22 5.84 -18.88
CA GLU A 17 16.01 6.22 -17.50
C GLU A 17 15.48 5.06 -16.66
N PHE A 18 14.90 4.06 -17.30
CA PHE A 18 14.25 2.96 -16.60
C PHE A 18 15.23 1.87 -16.23
N ASN A 19 16.52 2.06 -16.48
CA ASN A 19 17.50 0.99 -16.28
C ASN A 19 18.21 1.02 -14.96
N ASP A 20 17.92 1.99 -14.10
CA ASP A 20 18.57 2.03 -12.80
C ASP A 20 17.51 2.48 -11.79
N PHE A 21 17.00 1.53 -11.01
CA PHE A 21 15.86 1.82 -10.14
C PHE A 21 16.23 2.87 -9.10
N ASP A 22 17.30 2.64 -8.35
CA ASP A 22 17.69 3.57 -7.30
C ASP A 22 17.89 4.96 -7.85
N LYS A 23 18.53 5.05 -9.01
CA LYS A 23 18.85 6.34 -9.60
C LYS A 23 17.58 7.12 -9.91
N TYR A 24 16.56 6.43 -10.44
CA TYR A 24 15.32 7.11 -10.80
C TYR A 24 14.50 7.50 -9.57
N ILE A 25 14.50 6.66 -8.53
CA ILE A 25 13.88 7.08 -7.28
C ILE A 25 14.51 8.37 -6.79
N ALA A 26 15.85 8.42 -6.80
CA ALA A 26 16.55 9.62 -6.37
C ALA A 26 16.18 10.81 -7.25
N TYR A 27 16.08 10.60 -8.57
CA TYR A 27 15.66 11.67 -9.47
C TYR A 27 14.27 12.19 -9.11
N MET A 28 13.33 11.28 -8.91
CA MET A 28 12.00 11.70 -8.53
C MET A 28 12.03 12.56 -7.28
N GLU A 29 12.81 12.14 -6.28
CA GLU A 29 12.90 12.93 -5.07
C GLU A 29 13.57 14.28 -5.33
N SER A 30 14.51 14.34 -6.28
CA SER A 30 15.12 15.63 -6.60
C SER A 30 14.09 16.59 -7.17
N GLN A 31 13.04 16.07 -7.78
CA GLN A 31 11.97 16.90 -8.29
C GLN A 31 10.85 17.12 -7.28
N GLY A 32 11.04 16.69 -6.02
CA GLY A 32 10.06 16.90 -4.96
C GLY A 32 8.92 15.90 -4.91
N ALA A 33 9.03 14.77 -5.60
CA ALA A 33 7.93 13.82 -5.65
C ALA A 33 7.53 13.33 -4.26
N HIS A 34 8.52 13.13 -3.39
CA HIS A 34 8.26 12.53 -2.09
C HIS A 34 7.37 13.41 -1.23
N ARG A 35 7.34 14.71 -1.49
CA ARG A 35 6.54 15.60 -0.66
C ARG A 35 5.06 15.25 -0.69
N ALA A 36 4.57 14.66 -1.77
CA ALA A 36 3.17 14.26 -1.85
C ALA A 36 2.86 12.99 -1.07
N GLY A 37 3.87 12.12 -0.88
CA GLY A 37 3.70 10.83 -0.23
C GLY A 37 3.52 9.68 -1.20
N LEU A 38 3.30 10.01 -2.47
CA LEU A 38 2.96 9.04 -3.49
C LEU A 38 3.34 9.64 -4.83
N ALA A 39 3.88 8.80 -5.71
CA ALA A 39 4.12 9.17 -7.10
C ALA A 39 3.66 8.04 -8.00
N LYS A 40 3.26 8.41 -9.21
CA LYS A 40 2.95 7.43 -10.25
C LYS A 40 4.08 7.40 -11.28
N ILE A 41 4.41 6.19 -11.75
CA ILE A 41 5.44 6.01 -12.77
C ILE A 41 4.84 5.20 -13.92
N ILE A 42 4.80 5.80 -15.11
CA ILE A 42 4.28 5.14 -16.29
C ILE A 42 5.47 4.55 -17.05
N PRO A 43 5.53 3.24 -17.24
CA PRO A 43 6.73 2.62 -17.80
C PRO A 43 6.88 2.97 -19.28
N PRO A 44 8.10 2.92 -19.82
CA PRO A 44 8.27 3.16 -21.26
C PRO A 44 7.36 2.26 -22.07
N LYS A 45 6.83 2.80 -23.18
CA LYS A 45 5.98 2.01 -24.06
C LYS A 45 6.64 0.70 -24.47
N GLU A 46 7.97 0.64 -24.47
CA GLU A 46 8.70 -0.56 -24.86
C GLU A 46 8.70 -1.66 -23.79
N TRP A 47 8.27 -1.36 -22.58
CA TRP A 47 8.48 -2.25 -21.43
C TRP A 47 7.25 -3.11 -21.18
N LYS A 48 7.47 -4.30 -20.62
CA LYS A 48 6.37 -5.15 -20.17
C LYS A 48 6.82 -5.97 -18.95
N ALA A 49 5.86 -6.27 -18.06
CA ALA A 49 6.14 -7.07 -16.87
C ALA A 49 6.30 -8.55 -17.21
N ARG A 50 5.48 -9.03 -18.12
CA ARG A 50 5.53 -10.43 -18.55
C ARG A 50 4.80 -10.48 -19.89
N GLU A 51 4.86 -11.64 -20.54
CA GLU A 51 4.31 -11.74 -21.89
C GLU A 51 2.80 -11.72 -21.86
N THR A 52 2.18 -12.57 -21.05
CA THR A 52 0.74 -12.69 -20.99
C THR A 52 0.32 -13.02 -19.57
N TYR A 53 -0.92 -12.69 -19.25
CA TYR A 53 -1.53 -13.11 -18.00
C TYR A 53 -2.48 -14.27 -18.19
N ASP A 54 -2.33 -15.05 -19.26
CA ASP A 54 -3.30 -16.08 -19.56
C ASP A 54 -3.14 -17.32 -18.68
N ASN A 55 -2.06 -17.45 -17.91
CA ASN A 55 -1.79 -18.67 -17.18
C ASN A 55 -1.71 -18.48 -15.66
N ILE A 56 -2.50 -17.55 -15.11
CA ILE A 56 -2.42 -17.22 -13.69
C ILE A 56 -3.57 -17.79 -12.85
N SER A 57 -4.52 -18.50 -13.47
CA SER A 57 -5.75 -18.95 -12.83
C SER A 57 -5.53 -20.00 -11.75
N GLU A 58 -4.41 -20.68 -11.75
CA GLU A 58 -4.19 -21.76 -10.79
C GLU A 58 -3.46 -21.29 -9.52
N ILE A 59 -3.04 -20.04 -9.46
CA ILE A 59 -2.53 -19.49 -8.20
C ILE A 59 -3.58 -19.69 -7.11
N LEU A 60 -3.15 -20.01 -5.91
CA LEU A 60 -4.05 -20.26 -4.79
C LEU A 60 -4.10 -19.06 -3.85
N ILE A 61 -5.31 -18.62 -3.55
CA ILE A 61 -5.56 -17.66 -2.47
C ILE A 61 -5.93 -18.53 -1.28
N ALA A 62 -4.93 -18.87 -0.47
CA ALA A 62 -5.13 -19.83 0.61
C ALA A 62 -6.17 -19.34 1.62
N THR A 63 -6.18 -18.05 1.91
CA THR A 63 -7.07 -17.47 2.92
C THR A 63 -7.65 -16.16 2.41
N PRO A 64 -8.67 -16.24 1.58
CA PRO A 64 -9.38 -15.03 1.18
C PRO A 64 -10.00 -14.41 2.41
N LEU A 65 -10.10 -13.08 2.39
CA LEU A 65 -10.55 -12.29 3.52
C LEU A 65 -11.76 -11.47 3.10
N GLN A 66 -12.84 -11.57 3.87
CA GLN A 66 -14.02 -10.74 3.66
C GLN A 66 -13.94 -9.52 4.56
N GLN A 67 -14.05 -8.32 3.98
CA GLN A 67 -13.82 -7.08 4.71
C GLN A 67 -15.16 -6.52 5.17
N VAL A 68 -15.46 -6.72 6.45
CA VAL A 68 -16.76 -6.36 7.03
C VAL A 68 -16.62 -5.05 7.79
N ALA A 69 -17.47 -4.09 7.47
CA ALA A 69 -17.29 -2.74 7.97
C ALA A 69 -18.23 -2.44 9.15
N SER A 70 -17.79 -1.52 10.00
CA SER A 70 -18.59 -1.01 11.12
C SER A 70 -18.39 0.49 11.23
N GLY A 71 -19.48 1.21 11.41
CA GLY A 71 -19.42 2.64 11.62
C GLY A 71 -20.36 3.34 10.66
N ARG A 72 -19.96 4.50 10.17
CA ARG A 72 -20.72 5.29 9.23
C ARG A 72 -20.05 5.31 7.87
N ALA A 73 -20.76 5.86 6.88
CA ALA A 73 -20.31 5.72 5.49
C ALA A 73 -18.93 6.32 5.29
N GLY A 74 -18.66 7.47 5.91
CA GLY A 74 -17.39 8.17 5.76
C GLY A 74 -16.38 7.99 6.88
N VAL A 75 -16.72 7.24 7.93
CA VAL A 75 -15.88 7.02 9.10
C VAL A 75 -16.21 5.62 9.59
N PHE A 76 -15.34 4.65 9.30
CA PHE A 76 -15.66 3.26 9.60
C PHE A 76 -14.37 2.48 9.78
N THR A 77 -14.49 1.35 10.44
CA THR A 77 -13.42 0.38 10.55
C THR A 77 -13.87 -0.89 9.86
N GLN A 78 -12.91 -1.77 9.54
CA GLN A 78 -13.25 -3.00 8.86
C GLN A 78 -12.44 -4.09 9.51
N TYR A 79 -13.05 -5.25 9.66
CA TYR A 79 -12.36 -6.43 10.14
C TYR A 79 -12.38 -7.48 9.05
N HIS A 80 -11.46 -8.41 9.18
CA HIS A 80 -11.15 -9.39 8.15
C HIS A 80 -11.65 -10.76 8.60
N LYS A 81 -12.65 -11.26 7.90
CA LYS A 81 -13.18 -12.58 8.18
C LYS A 81 -12.58 -13.58 7.19
N LYS A 82 -11.98 -14.65 7.73
CA LYS A 82 -11.38 -15.68 6.89
C LYS A 82 -12.42 -16.50 6.15
N LYS A 83 -12.09 -16.84 4.90
CA LYS A 83 -12.94 -17.64 4.03
C LYS A 83 -12.16 -18.84 3.54
N LYS A 84 -12.85 -19.81 2.95
CA LYS A 84 -12.18 -20.98 2.41
C LYS A 84 -11.33 -20.61 1.19
N ALA A 85 -10.29 -21.40 0.98
CA ALA A 85 -9.35 -21.17 -0.10
C ALA A 85 -10.04 -21.19 -1.46
N MET A 86 -9.52 -20.41 -2.40
CA MET A 86 -9.96 -20.51 -3.78
C MET A 86 -8.80 -20.15 -4.68
N THR A 87 -8.87 -20.63 -5.90
CA THR A 87 -7.87 -20.25 -6.88
C THR A 87 -8.20 -18.86 -7.44
N VAL A 88 -7.21 -18.27 -8.11
CA VAL A 88 -7.43 -16.98 -8.75
C VAL A 88 -8.55 -17.08 -9.79
N GLY A 89 -8.63 -18.19 -10.51
CA GLY A 89 -9.73 -18.37 -11.45
C GLY A 89 -11.09 -18.36 -10.77
N GLU A 90 -11.21 -19.03 -9.63
CA GLU A 90 -12.48 -19.02 -8.91
C GLU A 90 -12.76 -17.63 -8.34
N TYR A 91 -11.72 -16.97 -7.85
CA TYR A 91 -11.87 -15.63 -7.30
C TYR A 91 -12.30 -14.65 -8.37
N ARG A 92 -11.71 -14.75 -9.57
CA ARG A 92 -12.08 -13.86 -10.66
C ARG A 92 -13.57 -14.03 -11.01
N HIS A 93 -14.04 -15.27 -11.04
CA HIS A 93 -15.45 -15.53 -11.33
C HIS A 93 -16.34 -14.92 -10.25
N LEU A 94 -15.95 -15.09 -8.99
CA LEU A 94 -16.67 -14.47 -7.87
C LEU A 94 -16.70 -12.95 -8.02
N ALA A 95 -15.55 -12.33 -8.32
CA ALA A 95 -15.50 -10.87 -8.44
C ALA A 95 -16.45 -10.36 -9.52
N ASN A 96 -16.66 -11.14 -10.57
CA ASN A 96 -17.48 -10.71 -11.69
C ASN A 96 -18.94 -11.13 -11.55
N SER A 97 -19.29 -11.76 -10.43
CA SER A 97 -20.66 -12.20 -10.19
C SER A 97 -21.57 -11.01 -9.94
N LYS A 98 -22.88 -11.23 -9.97
CA LYS A 98 -23.81 -10.12 -9.78
C LYS A 98 -23.62 -9.50 -8.40
N LYS A 99 -23.36 -10.32 -7.39
CA LYS A 99 -23.25 -9.82 -6.02
C LYS A 99 -22.07 -8.84 -5.85
N TYR A 100 -20.97 -9.08 -6.55
CA TYR A 100 -19.73 -8.36 -6.28
C TYR A 100 -19.26 -7.47 -7.42
N GLN A 101 -19.87 -7.52 -8.59
CA GLN A 101 -19.27 -6.86 -9.75
C GLN A 101 -19.39 -5.35 -9.65
N THR A 102 -18.49 -4.67 -10.35
CA THR A 102 -18.52 -3.22 -10.41
C THR A 102 -19.86 -2.73 -10.97
N PRO A 103 -20.49 -1.73 -10.38
CA PRO A 103 -21.76 -1.24 -10.91
C PRO A 103 -21.53 -0.30 -12.09
N PRO A 104 -22.53 -0.08 -12.93
CA PRO A 104 -22.33 0.86 -14.04
C PRO A 104 -22.00 2.23 -13.51
N HIS A 105 -21.11 2.92 -14.20
CA HIS A 105 -20.69 4.25 -13.77
C HIS A 105 -20.24 5.06 -14.97
N GLN A 106 -20.30 6.37 -14.81
CA GLN A 106 -19.95 7.27 -15.90
C GLN A 106 -18.46 7.52 -16.01
N ASN A 107 -17.73 7.55 -14.88
CA ASN A 107 -16.29 7.84 -14.88
C ASN A 107 -15.76 7.56 -13.49
N PHE A 108 -14.47 7.83 -13.29
CA PHE A 108 -13.83 7.50 -12.01
C PHE A 108 -14.46 8.28 -10.86
N GLU A 109 -14.79 9.55 -11.09
CA GLU A 109 -15.40 10.37 -10.03
C GLU A 109 -16.77 9.82 -9.62
N ASP A 110 -17.55 9.36 -10.59
CA ASP A 110 -18.84 8.75 -10.31
C ASP A 110 -18.68 7.49 -9.48
N LEU A 111 -17.74 6.63 -9.83
CA LEU A 111 -17.55 5.40 -9.09
C LEU A 111 -17.08 5.69 -7.66
N GLU A 112 -16.22 6.71 -7.52
CA GLU A 112 -15.75 7.11 -6.19
C GLU A 112 -16.91 7.53 -5.31
N ARG A 113 -17.84 8.30 -5.86
CA ARG A 113 -19.00 8.72 -5.11
C ARG A 113 -19.79 7.51 -4.66
N LYS A 114 -20.03 6.56 -5.57
CA LYS A 114 -20.72 5.32 -5.22
C LYS A 114 -19.98 4.56 -4.13
N TYR A 115 -18.64 4.48 -4.22
CA TYR A 115 -17.86 3.79 -3.20
C TYR A 115 -18.13 4.35 -1.80
N TRP A 116 -17.91 5.66 -1.63
CA TRP A 116 -18.05 6.23 -0.30
C TRP A 116 -19.50 6.25 0.15
N LYS A 117 -20.45 6.24 -0.77
CA LYS A 117 -21.85 6.22 -0.35
C LYS A 117 -22.28 4.86 0.18
N ASN A 118 -21.80 3.76 -0.42
CA ASN A 118 -22.33 2.42 -0.17
C ASN A 118 -21.33 1.38 0.32
N ARG A 119 -20.03 1.68 0.40
CA ARG A 119 -19.04 0.67 0.76
C ARG A 119 -19.44 -0.10 2.03
N ILE A 120 -19.89 0.63 3.06
CA ILE A 120 -20.08 -0.04 4.34
C ILE A 120 -21.20 -1.08 4.27
N TYR A 121 -22.08 -1.00 3.27
CA TYR A 121 -23.24 -1.88 3.14
C TYR A 121 -22.95 -3.13 2.32
N ASN A 122 -21.69 -3.38 1.95
CA ASN A 122 -21.27 -4.61 1.29
C ASN A 122 -19.98 -5.10 1.96
N SER A 123 -19.67 -6.37 1.77
CA SER A 123 -18.47 -6.96 2.36
C SER A 123 -17.69 -7.68 1.27
N PRO A 124 -16.84 -6.96 0.54
CA PRO A 124 -16.07 -7.59 -0.53
C PRO A 124 -14.97 -8.49 0.04
N ILE A 125 -14.45 -9.35 -0.81
CA ILE A 125 -13.51 -10.40 -0.46
C ILE A 125 -12.26 -10.16 -1.28
N TYR A 126 -11.08 -10.33 -0.68
CA TYR A 126 -9.86 -10.29 -1.47
C TYR A 126 -8.78 -11.22 -0.97
N GLY A 127 -7.71 -11.28 -1.76
CA GLY A 127 -6.53 -12.03 -1.42
C GLY A 127 -5.40 -11.05 -1.16
N ALA A 128 -4.79 -11.17 0.00
CA ALA A 128 -3.80 -10.18 0.43
C ALA A 128 -2.51 -10.86 0.85
N ASP A 129 -1.41 -10.15 0.61
CA ASP A 129 -0.12 -10.56 1.15
C ASP A 129 0.20 -12.00 0.77
N ILE A 130 0.03 -12.33 -0.51
CA ILE A 130 0.37 -13.65 -1.00
C ILE A 130 1.80 -13.59 -1.54
N SER A 131 2.74 -14.23 -0.87
CA SER A 131 4.13 -14.20 -1.32
C SER A 131 4.21 -14.76 -2.73
N GLY A 132 4.87 -14.02 -3.62
CA GLY A 132 5.03 -14.46 -4.99
C GLY A 132 5.24 -13.27 -5.90
N SER A 133 5.41 -13.58 -7.19
CA SER A 133 5.69 -12.56 -8.19
C SER A 133 5.11 -12.98 -9.54
N LEU A 134 4.54 -12.01 -10.23
CA LEU A 134 4.08 -12.20 -11.59
C LEU A 134 5.00 -11.56 -12.61
N PHE A 135 6.15 -11.07 -12.18
CA PHE A 135 7.13 -10.58 -13.13
C PHE A 135 7.82 -11.78 -13.77
N ASP A 136 7.97 -11.70 -15.08
CA ASP A 136 8.81 -12.66 -15.78
C ASP A 136 10.24 -12.56 -15.29
N GLU A 137 10.85 -13.69 -14.97
CA GLU A 137 12.21 -13.64 -14.46
C GLU A 137 13.17 -12.97 -15.44
N ASN A 138 12.80 -12.91 -16.72
CA ASN A 138 13.64 -12.26 -17.74
C ASN A 138 13.38 -10.76 -17.90
N THR A 139 12.37 -10.22 -17.22
CA THR A 139 12.14 -8.77 -17.23
C THR A 139 13.25 -8.12 -16.42
N LYS A 140 14.05 -7.26 -17.04
CA LYS A 140 15.26 -6.78 -16.38
C LYS A 140 15.10 -5.45 -15.67
N GLN A 141 14.09 -4.67 -16.00
CA GLN A 141 13.89 -3.34 -15.44
C GLN A 141 12.65 -3.33 -14.55
N TRP A 142 12.77 -2.76 -13.36
CA TRP A 142 11.64 -2.54 -12.45
C TRP A 142 10.91 -3.85 -12.19
N ASN A 143 11.68 -4.91 -12.08
CA ASN A 143 11.17 -6.23 -11.69
C ASN A 143 11.14 -6.28 -10.17
N LEU A 144 9.94 -6.30 -9.59
CA LEU A 144 9.81 -6.15 -8.14
C LEU A 144 10.35 -7.34 -7.36
N GLY A 145 10.60 -8.46 -8.02
CA GLY A 145 11.28 -9.59 -7.42
C GLY A 145 12.78 -9.56 -7.49
N HIS A 146 13.36 -8.55 -8.12
CA HIS A 146 14.80 -8.43 -8.28
C HIS A 146 15.32 -7.12 -7.71
N LEU A 147 14.56 -6.46 -6.85
CA LEU A 147 15.13 -5.29 -6.20
C LEU A 147 16.17 -5.73 -5.17
N GLY A 148 17.03 -4.79 -4.80
CA GLY A 148 17.88 -5.02 -3.63
C GLY A 148 17.04 -5.07 -2.36
N THR A 149 17.57 -5.73 -1.34
CA THR A 149 16.81 -5.93 -0.12
C THR A 149 17.02 -4.80 0.87
N ILE A 150 16.03 -4.63 1.75
CA ILE A 150 16.17 -3.68 2.84
C ILE A 150 17.29 -4.08 3.79
N GLN A 151 17.50 -5.39 3.97
CA GLN A 151 18.57 -5.85 4.85
C GLN A 151 19.94 -5.47 4.31
N ASP A 152 20.12 -5.55 3.00
CA ASP A 152 21.38 -5.14 2.41
C ASP A 152 21.55 -3.62 2.48
N LEU A 153 20.46 -2.88 2.33
CA LEU A 153 20.53 -1.42 2.47
C LEU A 153 20.93 -1.04 3.89
N LEU A 154 20.32 -1.66 4.89
CA LEU A 154 20.65 -1.35 6.28
C LEU A 154 22.09 -1.69 6.59
N GLU A 155 22.56 -2.84 6.06
CA GLU A 155 23.97 -3.21 6.22
C GLU A 155 24.89 -2.20 5.56
N LYS A 156 24.52 -1.75 4.35
CA LYS A 156 25.33 -0.80 3.61
C LYS A 156 25.43 0.54 4.32
N GLU A 157 24.33 0.99 4.92
CA GLU A 157 24.31 2.31 5.55
C GLU A 157 24.84 2.27 6.98
N CYS A 158 24.58 1.19 7.71
CA CYS A 158 24.84 1.16 9.14
C CYS A 158 25.95 0.20 9.54
N GLY A 159 26.43 -0.66 8.65
CA GLY A 159 27.62 -1.47 8.90
C GLY A 159 27.37 -2.83 9.50
N VAL A 160 26.12 -3.21 9.72
CA VAL A 160 25.72 -4.39 10.49
C VAL A 160 24.94 -5.36 9.60
N VAL A 161 25.34 -6.62 9.59
CA VAL A 161 24.60 -7.65 8.87
C VAL A 161 23.41 -8.06 9.72
N ILE A 162 22.25 -8.21 9.10
CA ILE A 162 21.08 -8.71 9.82
C ILE A 162 20.44 -9.84 9.04
N GLU A 163 19.76 -10.71 9.76
CA GLU A 163 18.92 -11.74 9.19
C GLU A 163 17.70 -11.10 8.55
N GLY A 164 17.04 -11.87 7.71
CA GLY A 164 15.83 -11.42 7.08
C GLY A 164 15.93 -11.42 5.58
N VAL A 165 14.74 -11.49 4.97
CA VAL A 165 14.57 -11.40 3.53
C VAL A 165 13.44 -10.42 3.24
N ASN A 166 13.25 -10.15 1.97
CA ASN A 166 12.38 -9.06 1.56
C ASN A 166 11.94 -9.46 0.16
N THR A 167 10.72 -10.01 0.05
CA THR A 167 10.17 -10.56 -1.18
C THR A 167 8.83 -9.95 -1.49
N PRO A 168 8.41 -9.98 -2.75
CA PRO A 168 7.15 -9.32 -3.14
C PRO A 168 5.93 -10.12 -2.71
N TYR A 169 4.80 -9.41 -2.69
CA TYR A 169 3.51 -9.96 -2.35
C TYR A 169 2.50 -9.63 -3.44
N LEU A 170 1.59 -10.57 -3.67
CA LEU A 170 0.50 -10.38 -4.61
C LEU A 170 -0.80 -10.06 -3.86
N TYR A 171 -1.62 -9.23 -4.51
CA TYR A 171 -2.92 -8.84 -4.00
C TYR A 171 -3.95 -9.06 -5.11
N PHE A 172 -5.04 -9.73 -4.78
CA PHE A 172 -6.16 -9.94 -5.70
C PHE A 172 -7.38 -9.25 -5.13
N GLY A 173 -7.92 -8.27 -5.86
CA GLY A 173 -8.99 -7.44 -5.37
C GLY A 173 -10.22 -7.49 -6.28
N MET A 174 -11.33 -6.95 -5.75
CA MET A 174 -12.59 -6.80 -6.47
C MET A 174 -13.16 -5.43 -6.14
N TRP A 175 -14.29 -5.09 -6.77
CA TRP A 175 -14.99 -3.85 -6.45
C TRP A 175 -15.21 -3.72 -4.95
N LYS A 176 -14.86 -2.55 -4.43
CA LYS A 176 -14.97 -2.11 -3.04
C LYS A 176 -13.90 -2.65 -2.12
N THR A 177 -13.02 -3.54 -2.58
CA THR A 177 -11.88 -3.96 -1.77
C THR A 177 -11.13 -2.72 -1.28
N THR A 178 -10.83 -2.68 0.02
CA THR A 178 -10.47 -1.44 0.70
C THR A 178 -9.13 -1.56 1.40
N PHE A 179 -8.29 -0.56 1.22
CA PHE A 179 -6.99 -0.45 1.87
C PHE A 179 -7.12 0.67 2.90
N ALA A 180 -7.05 0.30 4.18
CA ALA A 180 -7.24 1.29 5.24
C ALA A 180 -6.05 2.25 5.32
N TRP A 181 -6.30 3.40 5.95
CA TRP A 181 -5.25 4.40 6.18
C TRP A 181 -4.06 3.79 6.90
N HIS A 182 -2.87 3.93 6.33
CA HIS A 182 -1.67 3.37 6.93
C HIS A 182 -0.43 3.98 6.27
N THR A 183 0.69 3.83 6.96
CA THR A 183 2.01 3.95 6.35
C THR A 183 2.59 2.54 6.33
N GLU A 184 3.72 2.36 5.67
CA GLU A 184 4.27 1.02 5.59
C GLU A 184 4.96 0.66 6.89
N ASP A 185 5.22 -0.65 7.07
CA ASP A 185 6.02 -1.10 8.21
C ASP A 185 7.31 -0.30 8.27
N MET A 186 7.63 0.18 9.47
CA MET A 186 8.88 0.92 9.73
C MET A 186 8.95 2.20 8.90
N ASP A 187 7.78 2.66 8.41
CA ASP A 187 7.67 3.80 7.50
C ASP A 187 8.60 3.66 6.30
N LEU A 188 8.68 2.44 5.77
CA LEU A 188 9.42 2.15 4.56
C LEU A 188 8.73 2.76 3.35
N TYR A 189 9.47 2.78 2.22
CA TYR A 189 8.81 2.97 0.94
C TYR A 189 8.05 1.70 0.56
N SER A 190 7.12 1.87 -0.37
CA SER A 190 6.53 0.75 -1.08
C SER A 190 6.49 1.07 -2.56
N ILE A 191 6.60 0.03 -3.38
CA ILE A 191 6.34 0.12 -4.82
C ILE A 191 5.30 -0.93 -5.17
N ASN A 192 4.27 -0.50 -5.91
CA ASN A 192 3.09 -1.28 -6.24
C ASN A 192 2.92 -1.27 -7.75
N TYR A 193 2.81 -2.45 -8.36
CA TYR A 193 2.56 -2.56 -9.79
C TYR A 193 1.18 -3.18 -9.99
N LEU A 194 0.36 -2.50 -10.76
CA LEU A 194 -0.96 -3.04 -11.08
C LEU A 194 -0.84 -3.87 -12.35
N HIS A 195 -0.81 -5.20 -12.16
CA HIS A 195 -0.52 -6.15 -13.24
C HIS A 195 -1.66 -6.21 -14.24
N LEU A 196 -2.90 -6.26 -13.76
CA LEU A 196 -4.01 -6.66 -14.61
C LEU A 196 -5.33 -6.20 -14.00
N GLY A 197 -6.26 -5.81 -14.88
CA GLY A 197 -7.61 -5.60 -14.43
C GLY A 197 -8.01 -4.16 -14.21
N GLU A 198 -8.98 -3.96 -13.34
CA GLU A 198 -9.57 -2.65 -13.15
C GLU A 198 -8.72 -1.78 -12.22
N PRO A 199 -8.98 -0.47 -12.20
CA PRO A 199 -8.09 0.46 -11.50
C PRO A 199 -8.13 0.37 -9.98
N LYS A 200 -7.22 1.13 -9.38
CA LYS A 200 -7.19 1.42 -7.95
C LYS A 200 -7.18 2.91 -7.77
N THR A 201 -8.07 3.43 -6.90
CA THR A 201 -7.98 4.82 -6.48
C THR A 201 -7.25 4.92 -5.14
N TRP A 202 -6.29 5.84 -5.07
CA TRP A 202 -5.43 6.06 -3.93
C TRP A 202 -5.68 7.44 -3.36
N TYR A 203 -5.68 7.54 -2.03
CA TYR A 203 -5.64 8.78 -1.28
C TYR A 203 -4.34 8.82 -0.49
N VAL A 204 -3.74 9.99 -0.37
CA VAL A 204 -2.46 10.11 0.32
C VAL A 204 -2.39 11.45 1.03
N VAL A 205 -1.81 11.44 2.21
CA VAL A 205 -1.50 12.65 2.99
C VAL A 205 -0.01 12.93 2.89
N PRO A 206 0.40 14.16 2.57
CA PRO A 206 1.83 14.46 2.52
C PRO A 206 2.52 14.09 3.82
N PRO A 207 3.71 13.51 3.75
CA PRO A 207 4.41 13.12 4.98
C PRO A 207 4.59 14.24 5.96
N GLU A 208 4.81 15.48 5.50
CA GLU A 208 4.95 16.59 6.45
C GLU A 208 3.67 16.85 7.23
N HIS A 209 2.54 16.31 6.80
CA HIS A 209 1.27 16.53 7.48
C HIS A 209 0.70 15.25 8.08
N GLY A 210 1.50 14.17 8.14
CA GLY A 210 1.00 12.91 8.70
C GLY A 210 0.42 13.05 10.09
N GLN A 211 1.01 13.90 10.91
CA GLN A 211 0.52 14.02 12.28
C GLN A 211 -0.89 14.61 12.34
N ARG A 212 -1.29 15.42 11.36
CA ARG A 212 -2.66 15.92 11.33
C ARG A 212 -3.66 14.78 11.13
N LEU A 213 -3.34 13.84 10.23
CA LEU A 213 -4.20 12.68 10.06
C LEU A 213 -4.26 11.85 11.35
N GLU A 214 -3.11 11.67 12.01
CA GLU A 214 -3.09 10.90 13.25
C GLU A 214 -4.01 11.54 14.29
N ARG A 215 -3.95 12.87 14.41
CA ARG A 215 -4.80 13.56 15.38
C ARG A 215 -6.27 13.38 15.05
N LEU A 216 -6.64 13.50 13.77
CA LEU A 216 -8.05 13.34 13.40
C LEU A 216 -8.51 11.92 13.70
N ALA A 217 -7.67 10.93 13.38
CA ALA A 217 -8.04 9.55 13.63
C ALA A 217 -8.30 9.33 15.12
N ARG A 218 -7.48 9.91 15.99
CA ARG A 218 -7.69 9.74 17.42
C ARG A 218 -9.05 10.30 17.82
N GLU A 219 -9.46 11.42 17.22
CA GLU A 219 -10.78 11.99 17.49
C GLU A 219 -11.90 11.11 16.93
N LEU A 220 -11.68 10.50 15.77
CA LEU A 220 -12.78 9.80 15.13
C LEU A 220 -12.91 8.36 15.58
N PHE A 221 -11.85 7.78 16.11
CA PHE A 221 -11.87 6.40 16.59
C PHE A 221 -11.37 6.41 18.04
N PRO A 222 -12.15 6.99 18.95
CA PRO A 222 -11.61 7.25 20.30
C PRO A 222 -11.32 5.99 21.08
N GLY A 223 -12.15 4.96 20.96
CA GLY A 223 -11.87 3.72 21.67
C GLY A 223 -10.61 3.04 21.16
N SER A 224 -10.48 2.92 19.84
CA SER A 224 -9.26 2.37 19.25
C SER A 224 -8.04 3.13 19.72
N SER A 225 -8.14 4.46 19.77
CA SER A 225 -6.99 5.26 20.12
C SER A 225 -6.55 4.99 21.56
N ARG A 226 -7.50 4.80 22.47
CA ARG A 226 -7.15 4.43 23.85
C ARG A 226 -6.51 3.05 23.91
N GLY A 227 -6.89 2.14 23.02
CA GLY A 227 -6.29 0.82 22.93
C GLY A 227 -4.83 0.70 22.50
N CYS A 228 -4.46 1.24 21.33
CA CYS A 228 -3.06 1.32 20.87
C CYS A 228 -2.70 2.79 20.63
N GLY A 229 -1.54 3.21 21.13
CA GLY A 229 -0.98 4.52 20.83
C GLY A 229 -0.47 4.69 19.41
N ALA A 230 -0.62 3.65 18.59
CA ALA A 230 -0.32 3.71 17.16
C ALA A 230 -1.33 2.83 16.43
N PHE A 231 -2.62 3.06 16.67
CA PHE A 231 -3.62 2.10 16.19
C PHE A 231 -3.74 2.12 14.68
N LEU A 232 -3.29 3.18 13.99
CA LEU A 232 -3.32 3.10 12.54
C LEU A 232 -2.43 1.97 12.01
N ARG A 233 -1.47 1.51 12.82
CA ARG A 233 -0.68 0.32 12.49
C ARG A 233 -1.55 -0.92 12.36
N HIS A 234 -2.76 -0.92 12.95
CA HIS A 234 -3.66 -2.08 12.79
C HIS A 234 -4.22 -2.19 11.39
N LYS A 235 -4.21 -1.09 10.65
CA LYS A 235 -4.72 -1.01 9.28
C LYS A 235 -6.19 -1.46 9.19
N VAL A 236 -7.05 -0.76 9.94
CA VAL A 236 -8.49 -1.03 9.94
C VAL A 236 -9.35 0.21 9.79
N ALA A 237 -8.77 1.41 9.79
CA ALA A 237 -9.58 2.62 9.82
C ALA A 237 -9.68 3.31 8.46
N LEU A 238 -10.90 3.76 8.12
CA LEU A 238 -11.20 4.49 6.90
C LEU A 238 -11.88 5.80 7.23
N ILE A 239 -11.45 6.83 6.52
CA ILE A 239 -11.94 8.19 6.60
C ILE A 239 -12.08 8.67 5.17
N SER A 240 -13.28 9.12 4.78
CA SER A 240 -13.58 9.51 3.41
C SER A 240 -12.92 10.84 3.06
N PRO A 241 -12.79 11.15 1.76
CA PRO A 241 -12.29 12.47 1.38
C PRO A 241 -13.15 13.62 1.85
N THR A 242 -14.47 13.44 1.88
CA THR A 242 -15.34 14.50 2.42
C THR A 242 -15.00 14.81 3.88
N VAL A 243 -14.78 13.77 4.69
CA VAL A 243 -14.50 14.03 6.10
C VAL A 243 -13.12 14.63 6.26
N LEU A 244 -12.16 14.20 5.45
CA LEU A 244 -10.84 14.81 5.50
C LEU A 244 -10.94 16.31 5.18
N LYS A 245 -11.69 16.66 4.12
CA LYS A 245 -11.84 18.06 3.72
C LYS A 245 -12.51 18.86 4.84
N GLU A 246 -13.59 18.32 5.39
CA GLU A 246 -14.30 19.01 6.48
C GLU A 246 -13.38 19.32 7.65
N ASN A 247 -12.34 18.51 7.85
CA ASN A 247 -11.44 18.66 8.97
C ASN A 247 -10.13 19.31 8.58
N GLY A 248 -10.03 19.85 7.38
CA GLY A 248 -8.85 20.58 6.95
C GLY A 248 -7.59 19.74 6.79
N ILE A 249 -7.72 18.42 6.61
CA ILE A 249 -6.58 17.53 6.40
C ILE A 249 -6.10 17.67 4.96
N PRO A 250 -4.85 18.05 4.72
CA PRO A 250 -4.36 18.10 3.34
C PRO A 250 -4.16 16.69 2.80
N PHE A 251 -4.69 16.44 1.61
CA PHE A 251 -4.53 15.14 0.96
C PHE A 251 -4.69 15.30 -0.55
N ASN A 252 -4.30 14.24 -1.27
CA ASN A 252 -4.46 14.18 -2.71
C ASN A 252 -5.00 12.80 -3.11
N ARG A 253 -5.51 12.71 -4.34
CA ARG A 253 -6.05 11.46 -4.84
C ARG A 253 -5.58 11.23 -6.27
N ILE A 254 -5.48 9.97 -6.65
CA ILE A 254 -5.08 9.62 -8.02
C ILE A 254 -5.55 8.20 -8.28
N THR A 255 -5.85 7.93 -9.54
CA THR A 255 -6.26 6.60 -9.94
C THR A 255 -5.12 5.93 -10.71
N GLN A 256 -4.77 4.73 -10.30
CA GLN A 256 -3.75 3.91 -10.91
C GLN A 256 -4.43 2.88 -11.81
N GLU A 257 -3.93 2.75 -13.03
CA GLU A 257 -4.49 1.78 -13.97
C GLU A 257 -3.48 0.67 -14.26
N ALA A 258 -3.99 -0.41 -14.85
CA ALA A 258 -3.14 -1.55 -15.14
C ALA A 258 -1.97 -1.11 -15.97
N GLY A 259 -0.79 -1.60 -15.64
CA GLY A 259 0.40 -1.23 -16.36
C GLY A 259 1.18 -0.10 -15.75
N GLU A 260 0.72 0.47 -14.63
CA GLU A 260 1.37 1.61 -13.99
C GLU A 260 1.90 1.24 -12.61
N PHE A 261 3.04 1.84 -12.22
CA PHE A 261 3.63 1.74 -10.89
C PHE A 261 3.18 2.91 -10.02
N MET A 262 2.97 2.63 -8.73
CA MET A 262 2.88 3.66 -7.71
C MET A 262 3.98 3.43 -6.71
N VAL A 263 4.61 4.51 -6.28
CA VAL A 263 5.57 4.49 -5.17
C VAL A 263 5.01 5.31 -4.03
N THR A 264 5.02 4.74 -2.83
CA THR A 264 4.68 5.47 -1.63
C THR A 264 5.96 5.74 -0.89
N PHE A 265 6.03 6.89 -0.28
CA PHE A 265 7.27 7.40 0.28
C PHE A 265 7.19 7.28 1.81
N PRO A 266 8.32 7.34 2.49
CA PRO A 266 8.30 7.17 3.95
C PRO A 266 7.33 8.12 4.64
N TYR A 267 6.55 7.53 5.55
CA TYR A 267 5.57 8.23 6.36
C TYR A 267 4.49 8.92 5.51
N GLY A 268 4.30 8.47 4.27
CA GLY A 268 3.16 8.96 3.51
C GLY A 268 1.92 8.12 3.78
N TYR A 269 0.96 8.65 4.56
CA TYR A 269 -0.26 7.90 4.84
C TYR A 269 -1.10 7.76 3.58
N HIS A 270 -1.59 6.55 3.32
CA HIS A 270 -2.44 6.35 2.14
C HIS A 270 -3.52 5.32 2.44
N ALA A 271 -4.60 5.44 1.69
CA ALA A 271 -5.75 4.54 1.72
C ALA A 271 -6.32 4.48 0.31
N GLY A 272 -7.15 3.49 0.03
CA GLY A 272 -7.74 3.41 -1.30
C GLY A 272 -8.67 2.24 -1.50
N PHE A 273 -9.12 2.08 -2.73
CA PHE A 273 -10.09 1.04 -3.05
C PHE A 273 -9.91 0.61 -4.50
N ASN A 274 -10.31 -0.63 -4.76
CA ASN A 274 -10.27 -1.22 -6.08
C ASN A 274 -11.60 -1.01 -6.80
N HIS A 275 -11.50 -0.78 -8.10
CA HIS A 275 -12.66 -0.51 -8.97
C HIS A 275 -13.34 -1.78 -9.44
N GLY A 276 -12.66 -2.92 -9.36
CA GLY A 276 -13.16 -4.17 -9.88
C GLY A 276 -12.06 -5.20 -9.76
N PHE A 277 -12.27 -6.36 -10.40
CA PHE A 277 -11.27 -7.39 -10.31
C PHE A 277 -9.90 -6.86 -10.74
N ASN A 278 -8.87 -7.11 -9.92
CA ASN A 278 -7.53 -6.78 -10.37
C ASN A 278 -6.48 -7.58 -9.59
N CYS A 279 -5.25 -7.48 -10.06
CA CYS A 279 -4.11 -8.14 -9.45
C CYS A 279 -2.97 -7.15 -9.40
N ALA A 280 -2.42 -6.97 -8.22
CA ALA A 280 -1.32 -6.06 -8.01
C ALA A 280 -0.19 -6.81 -7.31
N GLU A 281 1.01 -6.27 -7.45
CA GLU A 281 2.19 -6.81 -6.80
C GLU A 281 2.86 -5.65 -6.08
N ALA A 282 3.27 -5.87 -4.84
CA ALA A 282 3.92 -4.83 -4.09
C ALA A 282 5.06 -5.37 -3.24
N ILE A 283 6.05 -4.50 -2.97
CA ILE A 283 7.16 -4.82 -2.07
C ILE A 283 7.60 -3.55 -1.37
N ASN A 284 8.03 -3.67 -0.11
CA ASN A 284 8.65 -2.53 0.55
C ASN A 284 10.11 -2.41 0.12
N PHE A 285 10.61 -1.17 0.14
CA PHE A 285 12.04 -0.96 -0.12
C PHE A 285 12.52 0.25 0.67
N ALA A 286 13.84 0.41 0.67
CA ALA A 286 14.55 1.41 1.46
C ALA A 286 15.59 2.11 0.58
N THR A 287 15.88 3.34 0.95
CA THR A 287 16.98 4.12 0.41
C THR A 287 17.70 4.69 1.61
N PRO A 288 18.84 5.36 1.41
CA PRO A 288 19.50 6.00 2.56
C PRO A 288 18.62 7.03 3.25
N ARG A 289 17.78 7.74 2.50
CA ARG A 289 16.92 8.73 3.12
C ARG A 289 15.89 8.09 4.05
N TRP A 290 15.61 6.80 3.88
CA TRP A 290 14.64 6.13 4.75
C TRP A 290 15.13 5.99 6.17
N ILE A 291 16.45 5.85 6.38
CA ILE A 291 16.99 5.43 7.67
C ILE A 291 16.43 6.27 8.80
N ASP A 292 16.50 7.60 8.64
CA ASP A 292 16.01 8.49 9.71
C ASP A 292 14.52 8.32 9.96
N TYR A 293 13.75 7.97 8.93
CA TYR A 293 12.33 7.64 9.16
C TYR A 293 12.18 6.34 9.91
N GLY A 294 12.95 5.31 9.55
CA GLY A 294 12.87 4.06 10.28
C GLY A 294 13.19 4.24 11.74
N LYS A 295 14.15 5.10 12.05
CA LYS A 295 14.54 5.34 13.44
C LYS A 295 13.39 5.90 14.25
N MET A 296 12.50 6.66 13.61
CA MET A 296 11.45 7.41 14.30
C MET A 296 10.08 6.79 14.15
N ALA A 297 9.96 5.67 13.44
CA ALA A 297 8.66 5.10 13.16
C ALA A 297 7.94 4.71 14.44
N SER A 298 6.66 5.06 14.51
CA SER A 298 5.80 4.61 15.60
C SER A 298 5.54 3.12 15.48
N GLN A 299 5.44 2.45 16.62
CA GLN A 299 5.23 1.00 16.63
C GLN A 299 3.98 0.67 17.42
N CYS A 300 3.23 -0.32 16.98
CA CYS A 300 2.16 -0.80 17.84
C CYS A 300 2.73 -1.88 18.74
N SER A 301 2.44 -1.75 20.03
CA SER A 301 2.61 -2.83 20.99
C SER A 301 1.25 -3.35 21.50
N CYS A 302 0.12 -2.98 20.84
CA CYS A 302 -1.20 -3.59 21.09
C CYS A 302 -1.09 -5.11 21.08
N GLY A 303 -0.21 -5.67 20.24
CA GLY A 303 -0.33 -7.03 19.78
C GLY A 303 -1.14 -7.20 18.51
N GLU A 304 -1.92 -6.19 18.12
CA GLU A 304 -2.84 -6.34 17.00
C GLU A 304 -2.12 -6.30 15.65
N ALA A 305 -1.04 -5.54 15.54
CA ALA A 305 -0.39 -5.37 14.24
C ALA A 305 0.35 -6.65 13.83
N ARG A 306 0.29 -6.96 12.53
CA ARG A 306 0.97 -8.13 12.00
C ARG A 306 2.47 -7.88 11.92
N VAL A 307 3.30 -8.84 12.34
CA VAL A 307 4.73 -8.66 12.17
C VAL A 307 5.34 -9.92 11.57
N THR A 308 5.96 -9.77 10.41
CA THR A 308 6.95 -10.70 9.87
C THR A 308 8.23 -10.62 10.69
N PHE A 309 9.00 -11.72 10.71
CA PHE A 309 10.21 -11.70 11.50
C PHE A 309 11.24 -10.73 10.96
N SER A 310 11.14 -10.33 9.69
CA SER A 310 12.12 -9.42 9.13
C SER A 310 12.11 -8.09 9.85
N MET A 311 10.96 -7.68 10.39
CA MET A 311 10.92 -6.38 11.05
C MET A 311 11.63 -6.37 12.40
N ASP A 312 11.77 -7.55 13.03
CA ASP A 312 12.46 -7.63 14.32
C ASP A 312 13.81 -6.92 14.26
N ALA A 313 14.59 -7.22 13.25
CA ALA A 313 15.95 -6.70 13.18
C ALA A 313 15.95 -5.20 12.97
N PHE A 314 14.98 -4.65 12.23
CA PHE A 314 14.93 -3.21 12.04
C PHE A 314 14.63 -2.49 13.34
N VAL A 315 13.72 -3.02 14.15
CA VAL A 315 13.44 -2.40 15.45
C VAL A 315 14.65 -2.57 16.34
N ARG A 316 15.23 -3.77 16.34
CA ARG A 316 16.37 -4.10 17.19
C ARG A 316 17.52 -3.12 16.97
N ILE A 317 17.85 -2.84 15.69
CA ILE A 317 19.00 -2.01 15.36
C ILE A 317 18.64 -0.52 15.44
N LEU A 318 17.51 -0.14 14.85
CA LEU A 318 17.17 1.26 14.69
C LEU A 318 16.46 1.85 15.90
N GLN A 319 15.82 1.02 16.72
CA GLN A 319 15.04 1.51 17.87
C GLN A 319 15.30 0.65 19.10
N PRO A 320 16.56 0.55 19.53
CA PRO A 320 16.87 -0.37 20.63
C PRO A 320 16.06 -0.10 21.89
N GLU A 321 15.74 1.15 22.17
CA GLU A 321 14.89 1.49 23.32
C GLU A 321 13.54 0.82 23.25
N ARG A 322 12.91 0.91 22.08
CA ARG A 322 11.55 0.40 21.92
C ARG A 322 11.52 -1.10 21.74
N TYR A 323 12.67 -1.73 21.55
CA TYR A 323 12.71 -3.13 21.14
C TYR A 323 12.05 -4.04 22.17
N ASP A 324 12.42 -3.90 23.44
CA ASP A 324 11.84 -4.74 24.50
C ASP A 324 10.32 -4.78 24.43
N LEU A 325 9.68 -3.63 24.55
CA LEU A 325 8.22 -3.60 24.59
C LEU A 325 7.60 -4.07 23.28
N TRP A 326 8.18 -3.66 22.14
CA TRP A 326 7.62 -4.09 20.87
C TRP A 326 7.71 -5.60 20.72
N LYS A 327 8.82 -6.17 21.18
CA LYS A 327 9.04 -7.61 21.14
C LYS A 327 7.92 -8.33 21.88
N ARG A 328 7.62 -7.86 23.10
CA ARG A 328 6.55 -8.45 23.91
C ARG A 328 5.22 -8.45 23.14
N GLY A 329 4.86 -7.31 22.54
CA GLY A 329 3.65 -7.23 21.74
C GLY A 329 3.67 -8.13 20.51
N GLN A 330 4.76 -8.86 20.29
CA GLN A 330 4.83 -9.82 19.21
C GLN A 330 4.94 -11.22 19.83
C10 HR0 B . -1.08 -2.18 -1.59
C11 HR0 B . -2.07 -2.30 -2.65
C14 HR0 B . -2.96 -0.29 -2.11
C1 HR0 B . -3.86 2.95 -0.65
C2 HR0 B . -3.35 1.63 -1.08
C5 HR0 B . -1.12 -1.08 -0.82
C7 HR0 B . 0.71 -1.77 0.51
C8 HR0 B . 0.80 -2.94 -0.25
C9 HR0 B . -0.09 -3.16 -1.30
C15 HR0 B . -3.77 0.83 -2.15
C16 HR0 B . -4.91 1.02 -3.12
N3 HR0 B . -2.30 1.04 -0.47
N4 HR0 B . -2.09 -0.16 -1.13
N6 HR0 B . -0.24 -0.88 0.21
N13 HR0 B . -2.97 -1.38 -2.89
N17 HR0 B . -5.75 1.17 -3.86
O12 HR0 B . -2.16 -3.38 -3.51
H11 HR0 B . -4.75 3.09 -1.03
H12 HR0 B . -3.27 3.64 -0.97
H13 HR0 B . -3.91 2.98 0.32
H71 HR0 B . 1.29 -1.60 1.22
H81 HR0 B . 1.45 -3.57 -0.04
H91 HR0 B . -0.04 -3.94 -1.80
H121 HR0 B . -2.54 -4.03 -3.12
FE FE C . 0.55 0.77 1.43
#